data_1MW2
#
_entry.id   1MW2
#
_cell.length_a   95.617
_cell.length_b   116.025
_cell.length_c   60.782
_cell.angle_alpha   90.00
_cell.angle_beta   90.00
_cell.angle_gamma   90.00
#
_symmetry.space_group_name_H-M   'P 21 21 2'
#
loop_
_entity.id
_entity.type
_entity.pdbx_description
1 polymer amylosucrase
2 branched alpha-D-glucopyranose-(1-4)-alpha-D-glucopyranose-(1-4)-alpha-D-glucopyranose-(1-4)-alpha-D-glucopyranose
3 branched beta-D-fructofuranose-(2-1)-alpha-D-glucopyranose
4 non-polymer 2-AMINO-2-HYDROXYMETHYL-PROPANE-1,3-DIOL
5 water water
#
_entity_poly.entity_id   1
_entity_poly.type   'polypeptide(L)'
_entity_poly.pdbx_seq_one_letter_code
;SPNSQYLKTRILDIYTPEQRAGIEKSEDWRQFSRRMDTHFPKLMNELDSVYGNNEALLPMLEMLLAQAWQSYSQRNSSLK
DIDIARENNPDWILSNKQVGGVCYVDLFAGDLKGLKDKIPYFQELGLTYLHLMPLFKCPEGKSDGGYAVSSYRDVNPALG
TIGDLREVIAALHEAGISAVVDFIFNHTSNEHEWAQRCAAGDPLFDNFYYIFPDRRMPDQYDRTLREIFPDQHPGGFSQL
EDGRWVWTTFNSFQWDLNYSNPWVFRAMAGEMLFLANLGVDILRMDAVAFIWKQMGTSCENLPQAHALIRAFNAVMRIAA
PAVFFKSEAIVHPDQVVQYIGQDECQIGYNPLQMALLWNTLATREVNLLHQALTYRHNLPEHTAWVNYVRSHDDIGWTFA
DEDAAYLGISGYDHRQFLNRFFVNRFDGSFARGVPFQYNPSTGDCRVSGTAAALVGLAQDDPHAVDRIKLLYSIALSTGG
LPLIYLGDEVGTLNDDDWSQDSNKSDDSRWAHRPRYNEALYAQRNDPSTAAGQIYQDLRHMIAVRQSNPRFDGGRLVTFN
TNNKHIIGYIRNNALLAFGNFSEYPQTVTAHTLQAMPFKAHDLIGGKTVSLNQDLTLQPYQVMWLEIA
;
_entity_poly.pdbx_strand_id   A
#
# COMPACT_ATOMS: atom_id res chain seq x y z
N SER A 1 -19.45 -17.61 -24.65
CA SER A 1 -19.73 -16.39 -23.85
C SER A 1 -20.16 -15.24 -24.77
N PRO A 2 -20.95 -14.29 -24.25
CA PRO A 2 -21.40 -13.15 -25.06
C PRO A 2 -20.18 -12.31 -25.43
N ASN A 3 -20.33 -11.41 -26.39
CA ASN A 3 -19.22 -10.58 -26.81
C ASN A 3 -19.51 -9.08 -26.63
N SER A 4 -18.46 -8.29 -26.75
CA SER A 4 -18.55 -6.83 -26.61
C SER A 4 -19.64 -6.17 -27.44
N GLN A 5 -19.69 -6.47 -28.74
CA GLN A 5 -20.71 -5.86 -29.60
C GLN A 5 -22.11 -6.18 -29.12
N TYR A 6 -22.34 -7.45 -28.79
CA TYR A 6 -23.65 -7.89 -28.31
C TYR A 6 -24.10 -7.07 -27.10
N LEU A 7 -23.24 -7.03 -26.08
CA LEU A 7 -23.55 -6.30 -24.85
C LEU A 7 -23.74 -4.80 -25.05
N LYS A 8 -22.98 -4.21 -25.98
CA LYS A 8 -23.13 -2.78 -26.21
C LYS A 8 -24.50 -2.46 -26.80
N THR A 9 -24.97 -3.29 -27.72
CA THR A 9 -26.28 -3.05 -28.34
C THR A 9 -27.33 -3.06 -27.24
N ARG A 10 -27.26 -4.06 -26.37
CA ARG A 10 -28.21 -4.17 -25.28
C ARG A 10 -28.12 -2.99 -24.32
N ILE A 11 -26.92 -2.45 -24.15
CA ILE A 11 -26.73 -1.31 -23.26
C ILE A 11 -27.49 -0.10 -23.78
N LEU A 12 -27.56 0.02 -25.09
CA LEU A 12 -28.24 1.14 -25.76
C LEU A 12 -29.77 0.99 -25.84
N ASP A 13 -30.29 -0.18 -25.53
CA ASP A 13 -31.73 -0.41 -25.60
C ASP A 13 -32.56 0.38 -24.60
N ILE A 14 -31.91 1.08 -23.69
CA ILE A 14 -32.66 1.84 -22.70
C ILE A 14 -33.07 3.19 -23.26
N TYR A 15 -32.47 3.56 -24.38
CA TYR A 15 -32.77 4.82 -25.03
C TYR A 15 -33.78 4.65 -26.15
N THR A 16 -34.69 5.61 -26.22
CA THR A 16 -35.71 5.60 -27.26
C THR A 16 -34.94 5.70 -28.59
N PRO A 17 -35.60 5.38 -29.71
CA PRO A 17 -34.97 5.43 -31.03
C PRO A 17 -34.24 6.76 -31.29
N GLU A 18 -34.88 7.87 -30.97
CA GLU A 18 -34.29 9.20 -31.18
C GLU A 18 -33.01 9.37 -30.36
N GLN A 19 -33.08 9.06 -29.08
CA GLN A 19 -31.94 9.19 -28.18
C GLN A 19 -30.80 8.28 -28.62
N ARG A 20 -31.11 7.01 -28.78
CA ARG A 20 -30.14 6.00 -29.18
C ARG A 20 -29.23 6.56 -30.28
N ALA A 21 -29.84 7.17 -31.30
CA ALA A 21 -29.11 7.73 -32.42
C ALA A 21 -28.04 8.70 -31.93
N GLY A 22 -28.44 9.64 -31.08
CA GLY A 22 -27.50 10.62 -30.56
C GLY A 22 -26.38 10.01 -29.75
N ILE A 23 -26.72 9.11 -28.84
CA ILE A 23 -25.73 8.45 -28.00
C ILE A 23 -24.60 7.81 -28.81
N GLU A 24 -24.98 7.02 -29.81
CA GLU A 24 -24.00 6.34 -30.64
C GLU A 24 -23.07 7.28 -31.39
N LYS A 25 -23.46 8.54 -31.52
CA LYS A 25 -22.63 9.51 -32.23
C LYS A 25 -21.73 10.31 -31.29
N SER A 26 -22.05 10.30 -30.00
CA SER A 26 -21.28 11.06 -29.00
C SER A 26 -19.87 10.55 -28.71
N GLU A 27 -19.00 11.48 -28.32
CA GLU A 27 -17.62 11.20 -27.98
C GLU A 27 -17.54 10.17 -26.85
N ASP A 28 -18.30 10.38 -25.79
CA ASP A 28 -18.30 9.47 -24.66
C ASP A 28 -18.52 8.02 -25.07
N TRP A 29 -19.53 7.77 -25.88
CA TRP A 29 -19.82 6.41 -26.30
C TRP A 29 -18.69 5.86 -27.18
N ARG A 30 -18.15 6.70 -28.05
CA ARG A 30 -17.08 6.31 -28.93
C ARG A 30 -15.91 5.73 -28.11
N GLN A 31 -15.49 6.47 -27.09
CA GLN A 31 -14.39 6.04 -26.22
C GLN A 31 -14.79 4.79 -25.43
N PHE A 32 -16.00 4.79 -24.90
CA PHE A 32 -16.50 3.67 -24.13
C PHE A 32 -16.53 2.40 -24.99
N SER A 33 -17.06 2.55 -26.19
CA SER A 33 -17.17 1.44 -27.13
C SER A 33 -15.78 0.86 -27.46
N ARG A 34 -14.84 1.73 -27.78
CA ARG A 34 -13.47 1.31 -28.10
C ARG A 34 -12.81 0.56 -26.94
N ARG A 35 -12.97 1.07 -25.73
CA ARG A 35 -12.38 0.43 -24.56
C ARG A 35 -13.08 -0.89 -24.26
N MET A 36 -14.38 -0.96 -24.54
CA MET A 36 -15.12 -2.19 -24.32
C MET A 36 -14.52 -3.28 -25.20
N ASP A 37 -14.34 -3.00 -26.49
CA ASP A 37 -13.77 -3.97 -27.41
C ASP A 37 -12.38 -4.39 -26.98
N THR A 38 -11.58 -3.43 -26.51
CA THR A 38 -10.22 -3.72 -26.11
C THR A 38 -10.08 -4.44 -24.77
N HIS A 39 -10.92 -4.11 -23.80
CA HIS A 39 -10.79 -4.73 -22.49
C HIS A 39 -11.87 -5.71 -22.06
N PHE A 40 -13.01 -5.74 -22.75
CA PHE A 40 -14.05 -6.66 -22.34
C PHE A 40 -13.58 -8.11 -22.35
N PRO A 41 -12.85 -8.54 -23.39
CA PRO A 41 -12.35 -9.91 -23.48
C PRO A 41 -11.71 -10.39 -22.17
N LYS A 42 -10.88 -9.53 -21.58
CA LYS A 42 -10.22 -9.87 -20.33
C LYS A 42 -11.20 -10.02 -19.18
N LEU A 43 -12.13 -9.07 -19.08
CA LEU A 43 -13.14 -9.10 -18.01
C LEU A 43 -13.91 -10.40 -18.07
N MET A 44 -14.43 -10.70 -19.25
CA MET A 44 -15.21 -11.90 -19.47
C MET A 44 -14.39 -13.12 -19.10
N ASN A 45 -13.20 -13.21 -19.67
CA ASN A 45 -12.31 -14.34 -19.42
C ASN A 45 -12.00 -14.53 -17.94
N GLU A 46 -11.66 -13.45 -17.24
CA GLU A 46 -11.33 -13.55 -15.82
C GLU A 46 -12.57 -13.96 -15.02
N LEU A 47 -13.70 -13.33 -15.29
CA LEU A 47 -14.95 -13.69 -14.59
C LEU A 47 -15.35 -15.14 -14.85
N ASP A 48 -15.23 -15.56 -16.11
CA ASP A 48 -15.58 -16.93 -16.45
C ASP A 48 -14.64 -17.90 -15.72
N SER A 49 -13.36 -17.54 -15.62
CA SER A 49 -12.43 -18.44 -14.94
C SER A 49 -12.85 -18.63 -13.48
N VAL A 50 -13.58 -17.67 -12.93
CA VAL A 50 -14.01 -17.79 -11.54
C VAL A 50 -15.42 -18.35 -11.32
N TYR A 51 -16.40 -17.87 -12.08
CA TYR A 51 -17.78 -18.32 -11.90
C TYR A 51 -18.26 -19.46 -12.83
N GLY A 52 -17.55 -19.66 -13.94
CA GLY A 52 -17.92 -20.71 -14.85
C GLY A 52 -19.27 -20.48 -15.51
N ASN A 53 -20.08 -21.54 -15.59
CA ASN A 53 -21.40 -21.44 -16.20
C ASN A 53 -22.45 -21.05 -15.17
N ASN A 54 -22.08 -20.20 -14.21
CA ASN A 54 -23.02 -19.77 -13.19
C ASN A 54 -24.16 -18.99 -13.85
N GLU A 55 -25.39 -19.43 -13.64
CA GLU A 55 -26.56 -18.78 -14.25
C GLU A 55 -26.61 -17.27 -14.06
N ALA A 56 -26.09 -16.81 -12.94
CA ALA A 56 -26.07 -15.38 -12.61
C ALA A 56 -24.96 -14.59 -13.30
N LEU A 57 -24.01 -15.30 -13.90
CA LEU A 57 -22.90 -14.62 -14.56
C LEU A 57 -23.31 -13.64 -15.66
N LEU A 58 -24.09 -14.11 -16.63
CA LEU A 58 -24.52 -13.26 -17.72
C LEU A 58 -25.36 -12.06 -17.24
N PRO A 59 -26.41 -12.32 -16.46
CA PRO A 59 -27.26 -11.24 -15.95
C PRO A 59 -26.47 -10.21 -15.11
N MET A 60 -25.53 -10.70 -14.31
CA MET A 60 -24.73 -9.82 -13.47
C MET A 60 -23.84 -8.93 -14.32
N LEU A 61 -23.31 -9.50 -15.39
CA LEU A 61 -22.43 -8.79 -16.31
C LEU A 61 -23.11 -7.65 -17.05
N GLU A 62 -24.29 -7.90 -17.59
CA GLU A 62 -25.01 -6.87 -18.33
C GLU A 62 -25.41 -5.74 -17.38
N MET A 63 -25.80 -6.10 -16.17
CA MET A 63 -26.19 -5.10 -15.18
C MET A 63 -24.97 -4.25 -14.84
N LEU A 64 -23.84 -4.90 -14.59
CA LEU A 64 -22.61 -4.20 -14.27
C LEU A 64 -22.11 -3.28 -15.38
N LEU A 65 -22.22 -3.74 -16.63
CA LEU A 65 -21.78 -2.96 -17.77
C LEU A 65 -22.70 -1.76 -18.02
N ALA A 66 -23.99 -1.94 -17.73
CA ALA A 66 -24.95 -0.85 -17.91
C ALA A 66 -24.54 0.26 -16.94
N GLN A 67 -24.14 -0.14 -15.73
CA GLN A 67 -23.70 0.83 -14.73
C GLN A 67 -22.41 1.49 -15.19
N ALA A 68 -21.51 0.67 -15.73
CA ALA A 68 -20.23 1.14 -16.22
C ALA A 68 -20.40 2.24 -17.24
N TRP A 69 -21.38 2.09 -18.13
CA TRP A 69 -21.61 3.13 -19.13
C TRP A 69 -22.16 4.37 -18.45
N GLN A 70 -23.20 4.20 -17.63
CA GLN A 70 -23.79 5.34 -16.93
C GLN A 70 -22.69 6.05 -16.14
N SER A 71 -21.88 5.28 -15.44
CA SER A 71 -20.79 5.84 -14.65
C SER A 71 -19.81 6.61 -15.54
N TYR A 72 -19.47 6.06 -16.70
CA TYR A 72 -18.54 6.77 -17.58
C TYR A 72 -19.18 8.02 -18.18
N SER A 73 -20.45 7.92 -18.53
CA SER A 73 -21.13 9.07 -19.10
C SER A 73 -21.13 10.23 -18.10
N GLN A 74 -21.44 9.95 -16.84
CA GLN A 74 -21.50 10.99 -15.82
C GLN A 74 -20.11 11.48 -15.40
N ARG A 75 -19.09 10.69 -15.70
CA ARG A 75 -17.71 11.04 -15.34
C ARG A 75 -17.35 12.44 -15.82
N ASN A 76 -16.78 13.24 -14.93
CA ASN A 76 -16.39 14.60 -15.24
C ASN A 76 -15.32 14.69 -16.32
N SER A 77 -15.48 15.67 -17.21
CA SER A 77 -14.56 15.89 -18.32
C SER A 77 -13.09 15.94 -17.91
N SER A 78 -12.81 16.58 -16.79
CA SER A 78 -11.43 16.68 -16.32
C SER A 78 -10.85 15.29 -16.06
N LEU A 79 -11.65 14.43 -15.44
CA LEU A 79 -11.22 13.08 -15.11
C LEU A 79 -11.01 12.28 -16.39
N LYS A 80 -11.84 12.54 -17.40
CA LYS A 80 -11.72 11.86 -18.69
C LYS A 80 -10.41 12.25 -19.38
N ASP A 81 -9.92 13.45 -19.12
CA ASP A 81 -8.65 13.87 -19.70
C ASP A 81 -7.56 13.05 -19.04
N ILE A 82 -7.65 12.88 -17.72
CA ILE A 82 -6.66 12.08 -17.00
C ILE A 82 -6.76 10.63 -17.49
N ASP A 83 -7.96 10.20 -17.87
CA ASP A 83 -8.16 8.84 -18.37
C ASP A 83 -7.33 8.66 -19.65
N ILE A 84 -7.45 9.61 -20.57
CA ILE A 84 -6.72 9.56 -21.83
C ILE A 84 -5.22 9.64 -21.64
N ALA A 85 -4.77 10.56 -20.79
CA ALA A 85 -3.35 10.73 -20.52
C ALA A 85 -2.69 9.45 -20.03
N ARG A 86 -3.29 8.82 -19.02
CA ARG A 86 -2.73 7.61 -18.46
C ARG A 86 -2.87 6.40 -19.38
N GLU A 87 -3.90 6.39 -20.21
CA GLU A 87 -4.07 5.29 -21.16
C GLU A 87 -2.80 5.22 -22.00
N ASN A 88 -2.36 6.39 -22.46
CA ASN A 88 -1.19 6.48 -23.31
C ASN A 88 0.13 6.67 -22.59
N ASN A 89 0.09 6.62 -21.27
CA ASN A 89 1.31 6.74 -20.47
C ASN A 89 1.19 5.83 -19.26
N PRO A 90 1.21 4.51 -19.51
CA PRO A 90 1.11 3.51 -18.45
C PRO A 90 2.23 3.56 -17.42
N ASP A 91 3.36 4.16 -17.79
CA ASP A 91 4.49 4.25 -16.88
C ASP A 91 4.56 5.48 -16.00
N TRP A 92 3.49 6.26 -15.96
CA TRP A 92 3.49 7.47 -15.13
C TRP A 92 3.86 7.14 -13.69
N ILE A 93 3.51 5.94 -13.27
CA ILE A 93 3.78 5.46 -11.91
C ILE A 93 5.26 5.20 -11.65
N LEU A 94 6.04 5.09 -12.72
CA LEU A 94 7.46 4.80 -12.60
C LEU A 94 8.36 6.04 -12.63
N SER A 95 7.76 7.20 -12.84
CA SER A 95 8.52 8.43 -12.90
C SER A 95 9.22 8.77 -11.60
N ASN A 96 10.46 9.22 -11.69
CA ASN A 96 11.24 9.59 -10.51
C ASN A 96 10.59 10.81 -9.87
N LYS A 97 9.75 11.49 -10.63
CA LYS A 97 9.06 12.69 -10.16
C LYS A 97 8.02 12.37 -9.09
N GLN A 98 7.53 11.14 -9.04
CA GLN A 98 6.52 10.76 -8.05
C GLN A 98 7.06 10.48 -6.66
N VAL A 99 6.43 11.09 -5.67
CA VAL A 99 6.79 10.91 -4.26
C VAL A 99 5.46 11.01 -3.52
N GLY A 100 5.12 9.99 -2.74
CA GLY A 100 3.86 10.03 -2.05
C GLY A 100 3.94 10.11 -0.54
N GLY A 101 2.82 10.48 0.07
CA GLY A 101 2.75 10.57 1.51
C GLY A 101 1.42 9.96 1.94
N VAL A 102 1.29 9.61 3.21
CA VAL A 102 0.05 9.03 3.72
C VAL A 102 -0.20 9.52 5.14
N CYS A 103 -1.45 9.83 5.44
CA CYS A 103 -1.83 10.30 6.77
C CYS A 103 -3.31 10.08 7.08
N TYR A 104 -3.64 10.16 8.36
CA TYR A 104 -5.03 10.06 8.76
C TYR A 104 -5.51 11.50 8.73
N VAL A 105 -6.66 11.73 8.11
CA VAL A 105 -7.20 13.08 8.05
C VAL A 105 -7.44 13.65 9.45
N ASP A 106 -8.03 12.84 10.32
CA ASP A 106 -8.31 13.29 11.68
C ASP A 106 -7.06 13.54 12.51
N LEU A 107 -6.10 12.63 12.48
CA LEU A 107 -4.88 12.80 13.27
C LEU A 107 -3.96 13.88 12.74
N PHE A 108 -3.90 14.03 11.42
CA PHE A 108 -3.01 15.00 10.81
C PHE A 108 -3.54 16.43 10.67
N ALA A 109 -4.80 16.57 10.29
CA ALA A 109 -5.35 17.90 10.09
C ALA A 109 -6.78 18.13 10.56
N GLY A 110 -7.18 17.40 11.59
CA GLY A 110 -8.53 17.57 12.13
C GLY A 110 -9.65 16.93 11.33
N ASP A 111 -9.98 17.55 10.19
CA ASP A 111 -11.03 17.04 9.31
C ASP A 111 -10.69 17.33 7.86
N LEU A 112 -11.63 17.07 6.95
CA LEU A 112 -11.39 17.29 5.53
C LEU A 112 -11.03 18.74 5.16
N LYS A 113 -11.79 19.70 5.68
CA LYS A 113 -11.48 21.10 5.38
C LYS A 113 -10.07 21.43 5.87
N GLY A 114 -9.73 20.91 7.05
CA GLY A 114 -8.42 21.14 7.61
C GLY A 114 -7.30 20.54 6.77
N LEU A 115 -7.57 19.36 6.20
CA LEU A 115 -6.58 18.70 5.36
C LEU A 115 -6.33 19.60 4.15
N LYS A 116 -7.40 20.16 3.61
CA LYS A 116 -7.31 21.04 2.44
C LYS A 116 -6.32 22.18 2.74
N ASP A 117 -6.33 22.67 3.97
CA ASP A 117 -5.45 23.76 4.38
C ASP A 117 -4.00 23.33 4.48
N LYS A 118 -3.77 22.02 4.57
CA LYS A 118 -2.42 21.49 4.67
C LYS A 118 -1.78 21.21 3.30
N ILE A 119 -2.57 21.33 2.24
CA ILE A 119 -2.06 21.07 0.89
C ILE A 119 -0.82 21.89 0.57
N PRO A 120 -0.81 23.19 0.91
CA PRO A 120 0.38 23.98 0.62
C PRO A 120 1.63 23.29 1.19
N TYR A 121 1.50 22.72 2.38
CA TYR A 121 2.62 22.05 3.02
C TYR A 121 3.04 20.80 2.23
N PHE A 122 2.08 20.09 1.68
CA PHE A 122 2.40 18.91 0.90
C PHE A 122 3.22 19.30 -0.33
N GLN A 123 2.88 20.44 -0.93
CA GLN A 123 3.60 20.91 -2.11
C GLN A 123 5.00 21.33 -1.69
N GLU A 124 5.08 22.02 -0.56
CA GLU A 124 6.34 22.48 -0.01
C GLU A 124 7.25 21.28 0.24
N LEU A 125 6.67 20.16 0.64
CA LEU A 125 7.42 18.95 0.90
C LEU A 125 7.79 18.25 -0.41
N GLY A 126 6.97 18.43 -1.44
CA GLY A 126 7.25 17.83 -2.74
C GLY A 126 6.38 16.64 -3.12
N LEU A 127 5.34 16.36 -2.35
CA LEU A 127 4.46 15.25 -2.64
C LEU A 127 3.67 15.43 -3.93
N THR A 128 3.43 14.34 -4.63
CA THR A 128 2.67 14.37 -5.88
C THR A 128 1.66 13.24 -5.78
N TYR A 129 1.61 12.65 -4.59
CA TYR A 129 0.77 11.49 -4.31
C TYR A 129 0.38 11.54 -2.83
N LEU A 130 -0.91 11.49 -2.53
CA LEU A 130 -1.35 11.52 -1.15
C LEU A 130 -2.43 10.49 -0.80
N HIS A 131 -2.11 9.64 0.16
CA HIS A 131 -3.04 8.61 0.59
C HIS A 131 -3.73 9.01 1.89
N LEU A 132 -5.06 9.07 1.85
CA LEU A 132 -5.85 9.42 3.02
C LEU A 132 -6.45 8.12 3.55
N MET A 133 -6.26 7.87 4.84
CA MET A 133 -6.78 6.67 5.49
C MET A 133 -8.30 6.65 5.45
N PRO A 134 -8.92 5.47 5.68
CA PRO A 134 -10.39 5.30 5.64
C PRO A 134 -11.18 6.53 6.07
N LEU A 135 -11.96 7.06 5.13
CA LEU A 135 -12.76 8.27 5.32
C LEU A 135 -14.26 8.08 5.53
N PHE A 136 -14.77 6.89 5.22
CA PHE A 136 -16.20 6.65 5.31
C PHE A 136 -16.73 6.16 6.66
N LYS A 137 -18.04 6.31 6.87
CA LYS A 137 -18.66 5.91 8.13
C LYS A 137 -18.26 4.50 8.59
N CYS A 138 -18.06 4.37 9.89
CA CYS A 138 -17.66 3.10 10.50
C CYS A 138 -18.17 3.09 11.94
N PRO A 139 -18.22 1.92 12.57
CA PRO A 139 -18.72 1.87 13.96
C PRO A 139 -17.99 2.84 14.89
N GLU A 140 -18.72 3.48 15.79
CA GLU A 140 -18.10 4.38 16.75
C GLU A 140 -17.32 3.53 17.73
N GLY A 141 -16.21 4.05 18.23
CA GLY A 141 -15.42 3.27 19.17
C GLY A 141 -14.34 2.47 18.45
N LYS A 142 -14.62 1.19 18.19
CA LYS A 142 -13.66 0.35 17.51
C LYS A 142 -14.08 0.05 16.08
N SER A 143 -13.21 0.42 15.14
CA SER A 143 -13.49 0.21 13.72
C SER A 143 -12.20 -0.13 13.00
N ASP A 144 -11.22 -0.64 13.74
CA ASP A 144 -9.93 -0.99 13.16
C ASP A 144 -9.41 0.24 12.40
N GLY A 145 -9.44 1.38 13.07
CA GLY A 145 -8.98 2.61 12.46
C GLY A 145 -9.72 2.94 11.17
N GLY A 146 -11.02 2.70 11.16
CA GLY A 146 -11.83 2.98 9.99
C GLY A 146 -11.89 1.88 8.95
N TYR A 147 -11.10 0.82 9.11
CA TYR A 147 -11.11 -0.26 8.13
C TYR A 147 -12.31 -1.19 8.25
N ALA A 148 -13.24 -0.87 9.12
CA ALA A 148 -14.47 -1.65 9.28
C ALA A 148 -15.52 -0.70 8.73
N VAL A 149 -15.78 -0.79 7.43
CA VAL A 149 -16.73 0.10 6.76
C VAL A 149 -18.21 -0.23 6.97
N SER A 150 -18.99 0.80 7.33
CA SER A 150 -20.43 0.63 7.53
C SER A 150 -21.19 1.29 6.39
N SER A 151 -20.45 2.01 5.55
CA SER A 151 -21.02 2.71 4.40
C SER A 151 -19.89 3.12 3.46
N TYR A 152 -19.96 2.68 2.21
CA TYR A 152 -18.91 3.03 1.25
C TYR A 152 -19.15 4.40 0.64
N ARG A 153 -20.30 4.99 0.94
CA ARG A 153 -20.62 6.29 0.35
C ARG A 153 -20.79 7.43 1.33
N ASP A 154 -21.11 7.12 2.59
CA ASP A 154 -21.29 8.16 3.59
C ASP A 154 -20.00 8.44 4.36
N VAL A 155 -19.46 9.64 4.16
CA VAL A 155 -18.25 10.06 4.82
C VAL A 155 -18.44 10.12 6.34
N ASN A 156 -17.40 9.78 7.09
CA ASN A 156 -17.47 9.84 8.55
C ASN A 156 -17.78 11.30 8.89
N PRO A 157 -18.97 11.56 9.45
CA PRO A 157 -19.33 12.95 9.80
C PRO A 157 -18.27 13.72 10.56
N ALA A 158 -17.45 13.02 11.34
CA ALA A 158 -16.39 13.67 12.09
C ALA A 158 -15.33 14.28 11.16
N LEU A 159 -15.29 13.79 9.93
CA LEU A 159 -14.32 14.27 8.95
C LEU A 159 -14.91 15.31 7.99
N GLY A 160 -16.21 15.22 7.76
CA GLY A 160 -16.85 16.15 6.86
C GLY A 160 -17.92 15.45 6.05
N THR A 161 -18.22 16.00 4.88
CA THR A 161 -19.23 15.43 4.01
C THR A 161 -18.63 14.92 2.72
N ILE A 162 -19.44 14.24 1.91
CA ILE A 162 -18.99 13.72 0.64
C ILE A 162 -18.56 14.93 -0.18
N GLY A 163 -19.25 16.05 0.04
CA GLY A 163 -18.93 17.27 -0.68
C GLY A 163 -17.53 17.73 -0.35
N ASP A 164 -17.18 17.73 0.94
CA ASP A 164 -15.86 18.15 1.39
C ASP A 164 -14.77 17.26 0.77
N LEU A 165 -15.05 15.96 0.69
CA LEU A 165 -14.11 15.01 0.13
C LEU A 165 -13.91 15.34 -1.35
N ARG A 166 -15.02 15.57 -2.05
CA ARG A 166 -14.98 15.89 -3.46
C ARG A 166 -14.16 17.18 -3.65
N GLU A 167 -14.30 18.11 -2.71
CA GLU A 167 -13.59 19.38 -2.75
C GLU A 167 -12.09 19.16 -2.53
N VAL A 168 -11.73 18.34 -1.56
CA VAL A 168 -10.34 18.05 -1.26
C VAL A 168 -9.63 17.45 -2.48
N ILE A 169 -10.31 16.51 -3.13
CA ILE A 169 -9.74 15.83 -4.30
C ILE A 169 -9.39 16.81 -5.40
N ALA A 170 -10.31 17.74 -5.68
CA ALA A 170 -10.07 18.72 -6.73
C ALA A 170 -8.92 19.65 -6.34
N ALA A 171 -8.82 19.98 -5.07
CA ALA A 171 -7.74 20.85 -4.59
C ALA A 171 -6.39 20.12 -4.67
N LEU A 172 -6.42 18.80 -4.49
CA LEU A 172 -5.19 18.02 -4.58
C LEU A 172 -4.74 17.99 -6.03
N HIS A 173 -5.68 17.83 -6.94
CA HIS A 173 -5.36 17.81 -8.37
C HIS A 173 -4.83 19.18 -8.79
N GLU A 174 -5.43 20.23 -8.24
CA GLU A 174 -5.01 21.59 -8.55
C GLU A 174 -3.55 21.79 -8.16
N ALA A 175 -3.17 21.24 -7.00
CA ALA A 175 -1.81 21.34 -6.49
C ALA A 175 -0.89 20.28 -7.10
N GLY A 176 -1.37 19.62 -8.15
CA GLY A 176 -0.57 18.60 -8.82
C GLY A 176 -0.32 17.37 -7.96
N ILE A 177 -1.32 17.00 -7.17
CA ILE A 177 -1.21 15.85 -6.29
C ILE A 177 -2.33 14.85 -6.57
N SER A 178 -1.97 13.57 -6.63
CA SER A 178 -2.95 12.53 -6.89
C SER A 178 -3.62 12.06 -5.60
N ALA A 179 -4.91 11.78 -5.69
CA ALA A 179 -5.69 11.32 -4.53
C ALA A 179 -5.66 9.79 -4.47
N VAL A 180 -5.31 9.26 -3.31
CA VAL A 180 -5.22 7.83 -3.12
C VAL A 180 -6.02 7.39 -1.90
N VAL A 181 -7.02 6.53 -2.10
CA VAL A 181 -7.84 6.06 -0.98
C VAL A 181 -7.92 4.53 -0.93
N ASP A 182 -8.49 4.03 0.15
CA ASP A 182 -8.62 2.59 0.36
C ASP A 182 -9.85 1.98 -0.29
N PHE A 183 -9.69 0.78 -0.82
CA PHE A 183 -10.79 0.04 -1.41
C PHE A 183 -10.82 -1.21 -0.53
N ILE A 184 -11.54 -1.13 0.58
CA ILE A 184 -11.65 -2.22 1.53
C ILE A 184 -12.73 -3.15 0.98
N PHE A 185 -12.33 -4.02 0.05
CA PHE A 185 -13.27 -4.90 -0.62
C PHE A 185 -13.38 -6.35 -0.13
N ASN A 186 -12.50 -6.75 0.79
CA ASN A 186 -12.55 -8.10 1.30
C ASN A 186 -13.58 -8.25 2.40
N HIS A 187 -13.96 -7.14 3.01
CA HIS A 187 -14.92 -7.19 4.11
C HIS A 187 -15.55 -5.84 4.46
N THR A 188 -16.66 -5.90 5.19
CA THR A 188 -17.36 -4.69 5.63
C THR A 188 -17.53 -4.82 7.14
N SER A 189 -18.01 -3.77 7.79
CA SER A 189 -18.23 -3.83 9.23
C SER A 189 -19.52 -4.63 9.42
N ASN A 190 -19.75 -5.08 10.65
CA ASN A 190 -20.95 -5.85 10.96
C ASN A 190 -22.16 -4.96 11.13
N GLU A 191 -21.97 -3.66 10.91
CA GLU A 191 -23.06 -2.71 11.02
C GLU A 191 -23.46 -2.20 9.66
N HIS A 192 -22.76 -2.66 8.64
CA HIS A 192 -23.08 -2.27 7.27
C HIS A 192 -24.43 -2.89 6.92
N GLU A 193 -25.25 -2.13 6.20
CA GLU A 193 -26.58 -2.59 5.79
C GLU A 193 -26.56 -4.00 5.20
N TRP A 194 -25.58 -4.29 4.36
CA TRP A 194 -25.46 -5.59 3.71
C TRP A 194 -25.35 -6.72 4.73
N ALA A 195 -24.50 -6.53 5.72
CA ALA A 195 -24.30 -7.52 6.77
C ALA A 195 -25.62 -7.75 7.49
N GLN A 196 -26.21 -6.65 7.97
CA GLN A 196 -27.48 -6.70 8.69
C GLN A 196 -28.53 -7.53 7.94
N ARG A 197 -28.82 -7.12 6.71
CA ARG A 197 -29.83 -7.77 5.88
C ARG A 197 -29.47 -9.20 5.52
N CYS A 198 -28.19 -9.48 5.36
CA CYS A 198 -27.77 -10.85 5.03
C CYS A 198 -28.07 -11.76 6.20
N ALA A 199 -27.58 -11.39 7.38
CA ALA A 199 -27.76 -12.18 8.59
C ALA A 199 -29.22 -12.28 9.01
N ALA A 200 -30.01 -11.25 8.70
CA ALA A 200 -31.42 -11.26 9.07
C ALA A 200 -32.23 -12.14 8.11
N GLY A 201 -31.56 -12.64 7.08
CA GLY A 201 -32.22 -13.50 6.12
C GLY A 201 -32.88 -12.84 4.92
N ASP A 202 -32.53 -11.58 4.64
CA ASP A 202 -33.09 -10.89 3.49
C ASP A 202 -32.66 -11.65 2.24
N PRO A 203 -33.61 -12.26 1.50
CA PRO A 203 -33.23 -13.00 0.31
C PRO A 203 -32.41 -12.19 -0.69
N LEU A 204 -32.57 -10.87 -0.65
CA LEU A 204 -31.85 -9.98 -1.54
C LEU A 204 -30.36 -9.99 -1.25
N PHE A 205 -30.00 -10.20 0.01
CA PHE A 205 -28.60 -10.24 0.40
C PHE A 205 -28.15 -11.61 0.84
N ASP A 206 -28.68 -12.62 0.18
CA ASP A 206 -28.35 -14.00 0.46
C ASP A 206 -26.94 -14.32 -0.04
N ASN A 207 -26.18 -15.02 0.79
CA ASN A 207 -24.82 -15.42 0.45
C ASN A 207 -23.88 -14.25 0.18
N PHE A 208 -24.08 -13.13 0.86
CA PHE A 208 -23.21 -11.98 0.66
C PHE A 208 -22.00 -12.10 1.59
N TYR A 209 -22.06 -13.06 2.51
CA TYR A 209 -20.98 -13.33 3.46
C TYR A 209 -20.91 -14.84 3.67
N TYR A 210 -19.99 -15.30 4.51
CA TYR A 210 -19.85 -16.74 4.79
C TYR A 210 -20.35 -17.00 6.22
N ILE A 211 -21.62 -17.40 6.33
CA ILE A 211 -22.20 -17.66 7.64
C ILE A 211 -22.46 -19.15 7.79
N PHE A 212 -22.11 -19.70 8.94
CA PHE A 212 -22.27 -21.12 9.21
C PHE A 212 -23.15 -21.40 10.42
N PRO A 213 -23.90 -22.52 10.39
CA PRO A 213 -24.78 -22.86 11.49
C PRO A 213 -24.05 -23.26 12.78
N ASP A 214 -22.84 -23.76 12.63
CA ASP A 214 -22.06 -24.20 13.79
C ASP A 214 -20.57 -24.19 13.49
N ARG A 215 -19.82 -24.92 14.30
CA ARG A 215 -18.36 -24.99 14.15
C ARG A 215 -17.87 -26.09 13.21
N ARG A 216 -18.78 -26.80 12.55
CA ARG A 216 -18.37 -27.88 11.66
C ARG A 216 -17.44 -27.39 10.54
N MET A 217 -17.90 -26.44 9.75
CA MET A 217 -17.08 -25.90 8.66
C MET A 217 -15.93 -25.08 9.24
N PRO A 218 -16.23 -24.12 10.14
CA PRO A 218 -15.19 -23.30 10.75
C PRO A 218 -13.98 -24.11 11.20
N ASP A 219 -14.23 -25.16 11.97
CA ASP A 219 -13.13 -26.00 12.46
C ASP A 219 -12.32 -26.61 11.32
N GLN A 220 -13.00 -27.00 10.23
CA GLN A 220 -12.29 -27.61 9.10
C GLN A 220 -11.41 -26.56 8.45
N TYR A 221 -11.95 -25.37 8.28
CA TYR A 221 -11.20 -24.28 7.67
C TYR A 221 -10.02 -23.87 8.53
N ASP A 222 -10.25 -23.70 9.83
CA ASP A 222 -9.21 -23.28 10.77
C ASP A 222 -7.98 -24.18 10.80
N ARG A 223 -8.10 -25.40 10.27
CA ARG A 223 -6.97 -26.32 10.23
C ARG A 223 -5.81 -25.72 9.43
N THR A 224 -6.14 -24.88 8.45
CA THR A 224 -5.12 -24.27 7.61
C THR A 224 -5.17 -22.74 7.55
N LEU A 225 -5.96 -22.12 8.41
CA LEU A 225 -6.07 -20.67 8.41
C LEU A 225 -5.06 -19.94 9.30
N ARG A 226 -4.46 -18.90 8.74
CA ARG A 226 -3.50 -18.09 9.48
C ARG A 226 -4.32 -17.11 10.30
N GLU A 227 -3.78 -16.77 11.47
CA GLU A 227 -4.44 -15.83 12.37
C GLU A 227 -3.74 -14.47 12.23
N ILE A 228 -4.50 -13.47 11.82
CA ILE A 228 -3.98 -12.11 11.64
C ILE A 228 -3.99 -11.36 12.97
N PHE A 229 -5.10 -11.46 13.70
CA PHE A 229 -5.21 -10.79 14.99
C PHE A 229 -5.58 -11.86 16.03
N PRO A 230 -4.67 -12.79 16.33
CA PRO A 230 -4.95 -13.84 17.31
C PRO A 230 -5.33 -13.26 18.67
N ASP A 231 -5.01 -11.98 18.87
CA ASP A 231 -5.35 -11.29 20.12
C ASP A 231 -6.87 -11.16 20.20
N GLN A 232 -7.51 -10.95 19.04
CA GLN A 232 -8.96 -10.78 18.97
C GLN A 232 -9.79 -12.06 19.00
N HIS A 233 -9.36 -13.08 18.27
CA HIS A 233 -10.08 -14.34 18.24
C HIS A 233 -9.25 -15.42 17.56
N PRO A 234 -9.54 -16.69 17.85
CA PRO A 234 -8.79 -17.78 17.22
C PRO A 234 -9.34 -18.05 15.81
N GLY A 235 -8.54 -18.71 14.98
CA GLY A 235 -8.97 -19.02 13.64
C GLY A 235 -9.45 -17.83 12.84
N GLY A 236 -10.34 -18.05 11.88
CA GLY A 236 -10.84 -16.96 11.08
C GLY A 236 -12.34 -16.76 11.14
N PHE A 237 -12.97 -17.18 12.24
CA PHE A 237 -14.41 -17.03 12.37
C PHE A 237 -14.85 -16.41 13.70
N SER A 238 -16.05 -15.85 13.72
CA SER A 238 -16.61 -15.24 14.93
C SER A 238 -18.06 -15.70 15.07
N GLN A 239 -18.55 -15.78 16.31
CA GLN A 239 -19.92 -16.22 16.56
C GLN A 239 -20.91 -15.07 16.73
N LEU A 240 -22.08 -15.21 16.11
CA LEU A 240 -23.12 -14.20 16.17
C LEU A 240 -23.97 -14.35 17.44
N GLU A 241 -24.92 -13.44 17.59
CA GLU A 241 -25.83 -13.44 18.72
C GLU A 241 -26.60 -14.76 18.74
N ASP A 242 -27.20 -15.09 17.61
CA ASP A 242 -28.01 -16.30 17.47
C ASP A 242 -27.24 -17.63 17.49
N GLY A 243 -25.92 -17.58 17.63
CA GLY A 243 -25.16 -18.81 17.67
C GLY A 243 -24.45 -19.21 16.39
N ARG A 244 -24.84 -18.62 15.26
CA ARG A 244 -24.20 -18.95 14.00
C ARG A 244 -22.79 -18.37 13.98
N TRP A 245 -21.99 -18.78 13.00
CA TRP A 245 -20.61 -18.30 12.87
C TRP A 245 -20.39 -17.62 11.54
N VAL A 246 -19.66 -16.51 11.57
CA VAL A 246 -19.37 -15.76 10.36
C VAL A 246 -17.86 -15.67 10.14
N TRP A 247 -17.45 -15.75 8.88
CA TRP A 247 -16.03 -15.68 8.55
C TRP A 247 -15.50 -14.28 8.85
N THR A 248 -14.50 -14.20 9.73
CA THR A 248 -13.92 -12.92 10.12
C THR A 248 -12.40 -13.03 10.16
N THR A 249 -11.77 -12.82 9.00
CA THR A 249 -10.32 -12.91 8.91
C THR A 249 -9.64 -11.94 9.87
N PHE A 250 -10.21 -10.76 9.99
CA PHE A 250 -9.63 -9.73 10.86
C PHE A 250 -10.39 -9.60 12.17
N ASN A 251 -10.91 -8.41 12.48
CA ASN A 251 -11.64 -8.24 13.72
C ASN A 251 -13.02 -8.90 13.61
N SER A 252 -13.64 -9.18 14.76
CA SER A 252 -14.94 -9.80 14.82
C SER A 252 -16.01 -8.90 14.19
N PHE A 253 -15.76 -7.59 14.18
CA PHE A 253 -16.71 -6.66 13.62
C PHE A 253 -16.46 -6.37 12.14
N GLN A 254 -15.64 -7.21 11.53
CA GLN A 254 -15.31 -7.12 10.10
C GLN A 254 -15.65 -8.46 9.48
N TRP A 255 -16.71 -8.50 8.69
CA TRP A 255 -17.17 -9.73 8.04
C TRP A 255 -16.70 -9.84 6.59
N ASP A 256 -15.99 -10.93 6.29
CA ASP A 256 -15.47 -11.16 4.93
C ASP A 256 -16.60 -11.25 3.90
N LEU A 257 -16.49 -10.49 2.81
CA LEU A 257 -17.49 -10.53 1.75
C LEU A 257 -17.35 -11.84 0.98
N ASN A 258 -18.45 -12.35 0.46
CA ASN A 258 -18.48 -13.62 -0.26
C ASN A 258 -18.41 -13.51 -1.79
N TYR A 259 -17.20 -13.45 -2.33
CA TYR A 259 -17.02 -13.34 -3.77
C TYR A 259 -17.36 -14.60 -4.55
N SER A 260 -17.79 -15.66 -3.86
CA SER A 260 -18.18 -16.86 -4.58
C SER A 260 -19.55 -16.56 -5.18
N ASN A 261 -20.13 -15.45 -4.72
CA ASN A 261 -21.43 -14.97 -5.20
C ASN A 261 -21.10 -13.85 -6.19
N PRO A 262 -21.40 -14.05 -7.49
CA PRO A 262 -21.10 -13.00 -8.46
C PRO A 262 -21.77 -11.65 -8.17
N TRP A 263 -22.92 -11.66 -7.50
CA TRP A 263 -23.60 -10.40 -7.19
C TRP A 263 -22.79 -9.59 -6.17
N VAL A 264 -21.83 -10.23 -5.53
CA VAL A 264 -20.98 -9.56 -4.56
C VAL A 264 -19.91 -8.78 -5.34
N PHE A 265 -19.44 -9.37 -6.44
CA PHE A 265 -18.45 -8.71 -7.27
C PHE A 265 -19.10 -7.45 -7.84
N ARG A 266 -20.28 -7.63 -8.43
CA ARG A 266 -21.02 -6.52 -9.03
C ARG A 266 -21.19 -5.38 -8.01
N ALA A 267 -21.59 -5.73 -6.80
CA ALA A 267 -21.78 -4.73 -5.76
C ALA A 267 -20.51 -3.91 -5.55
N MET A 268 -19.39 -4.59 -5.34
CA MET A 268 -18.13 -3.90 -5.12
C MET A 268 -17.61 -3.19 -6.36
N ALA A 269 -17.93 -3.71 -7.54
CA ALA A 269 -17.51 -3.05 -8.77
C ALA A 269 -18.25 -1.70 -8.79
N GLY A 270 -19.49 -1.73 -8.35
CA GLY A 270 -20.30 -0.52 -8.31
C GLY A 270 -19.70 0.53 -7.38
N GLU A 271 -19.15 0.06 -6.26
CA GLU A 271 -18.53 0.96 -5.31
C GLU A 271 -17.27 1.55 -5.92
N MET A 272 -16.52 0.73 -6.66
CA MET A 272 -15.29 1.21 -7.28
C MET A 272 -15.59 2.33 -8.27
N LEU A 273 -16.67 2.18 -9.02
CA LEU A 273 -17.06 3.20 -9.98
C LEU A 273 -17.43 4.50 -9.26
N PHE A 274 -18.03 4.35 -8.08
CA PHE A 274 -18.41 5.51 -7.28
C PHE A 274 -17.14 6.26 -6.86
N LEU A 275 -16.17 5.52 -6.34
CA LEU A 275 -14.91 6.12 -5.89
C LEU A 275 -14.15 6.70 -7.09
N ALA A 276 -14.24 6.01 -8.22
CA ALA A 276 -13.57 6.46 -9.43
C ALA A 276 -14.04 7.83 -9.85
N ASN A 277 -15.35 8.02 -9.86
CA ASN A 277 -15.92 9.29 -10.27
C ASN A 277 -15.72 10.45 -9.31
N LEU A 278 -15.27 10.15 -8.09
CA LEU A 278 -15.00 11.20 -7.13
C LEU A 278 -13.67 11.83 -7.54
N GLY A 279 -12.92 11.11 -8.37
CA GLY A 279 -11.63 11.60 -8.83
C GLY A 279 -10.43 10.89 -8.21
N VAL A 280 -10.63 9.69 -7.67
CA VAL A 280 -9.54 8.94 -7.07
C VAL A 280 -8.60 8.42 -8.16
N ASP A 281 -7.31 8.65 -7.96
CA ASP A 281 -6.29 8.23 -8.91
C ASP A 281 -5.80 6.82 -8.66
N ILE A 282 -5.67 6.47 -7.39
CA ILE A 282 -5.18 5.16 -7.04
C ILE A 282 -5.99 4.59 -5.88
N LEU A 283 -6.44 3.35 -6.07
CA LEU A 283 -7.21 2.64 -5.05
C LEU A 283 -6.33 1.60 -4.37
N ARG A 284 -6.17 1.75 -3.06
CA ARG A 284 -5.37 0.82 -2.29
C ARG A 284 -6.22 -0.41 -2.05
N MET A 285 -5.90 -1.50 -2.76
CA MET A 285 -6.64 -2.76 -2.64
C MET A 285 -6.30 -3.45 -1.33
N ASP A 286 -7.13 -3.20 -0.33
CA ASP A 286 -6.95 -3.75 1.01
C ASP A 286 -7.13 -5.25 1.12
N ALA A 287 -6.14 -5.93 1.69
CA ALA A 287 -6.20 -7.38 1.88
C ALA A 287 -6.58 -8.20 0.63
N VAL A 288 -5.88 -7.95 -0.48
CA VAL A 288 -6.18 -8.64 -1.74
C VAL A 288 -5.98 -10.16 -1.65
N ALA A 289 -5.18 -10.60 -0.70
CA ALA A 289 -4.88 -12.02 -0.55
C ALA A 289 -6.03 -12.91 -0.07
N PHE A 290 -6.97 -12.33 0.66
CA PHE A 290 -8.07 -13.11 1.24
C PHE A 290 -9.42 -13.13 0.54
N ILE A 291 -9.52 -12.54 -0.66
CA ILE A 291 -10.84 -12.49 -1.31
C ILE A 291 -11.40 -13.79 -1.91
N TRP A 292 -10.68 -14.90 -1.74
CA TRP A 292 -11.21 -16.18 -2.20
C TRP A 292 -10.87 -17.25 -1.17
N LYS A 293 -11.86 -18.10 -0.90
CA LYS A 293 -11.71 -19.16 0.11
C LYS A 293 -11.87 -20.55 -0.51
N GLN A 294 -11.18 -21.53 0.08
CA GLN A 294 -11.27 -22.90 -0.38
C GLN A 294 -10.81 -23.83 0.74
N MET A 295 -11.72 -24.69 1.18
CA MET A 295 -11.44 -25.65 2.24
C MET A 295 -10.15 -26.42 2.00
N GLY A 296 -9.31 -26.51 3.03
CA GLY A 296 -8.07 -27.24 2.90
C GLY A 296 -6.88 -26.41 2.47
N THR A 297 -7.14 -25.19 2.00
CA THR A 297 -6.06 -24.30 1.59
C THR A 297 -5.94 -23.21 2.64
N SER A 298 -4.96 -22.34 2.49
CA SER A 298 -4.79 -21.25 3.46
C SER A 298 -5.80 -20.14 3.18
N CYS A 299 -6.50 -20.23 2.06
CA CYS A 299 -7.47 -19.20 1.70
C CYS A 299 -6.77 -17.84 1.54
N GLU A 300 -5.55 -17.90 1.02
CA GLU A 300 -4.72 -16.73 0.75
C GLU A 300 -4.09 -16.92 -0.63
N ASN A 301 -3.99 -15.85 -1.39
CA ASN A 301 -3.37 -15.91 -2.73
C ASN A 301 -3.90 -16.98 -3.68
N LEU A 302 -5.16 -17.39 -3.53
CA LEU A 302 -5.68 -18.40 -4.44
C LEU A 302 -5.84 -17.81 -5.84
N PRO A 303 -5.85 -18.68 -6.88
CA PRO A 303 -5.99 -18.26 -8.28
C PRO A 303 -7.16 -17.32 -8.55
N GLN A 304 -8.32 -17.66 -8.01
CA GLN A 304 -9.53 -16.86 -8.22
C GLN A 304 -9.46 -15.46 -7.62
N ALA A 305 -8.62 -15.28 -6.61
CA ALA A 305 -8.46 -13.99 -5.97
C ALA A 305 -7.78 -13.06 -6.98
N HIS A 306 -6.76 -13.60 -7.64
CA HIS A 306 -6.01 -12.85 -8.65
C HIS A 306 -6.91 -12.55 -9.84
N ALA A 307 -7.67 -13.55 -10.26
CA ALA A 307 -8.57 -13.39 -11.39
C ALA A 307 -9.59 -12.29 -11.12
N LEU A 308 -10.17 -12.29 -9.93
CA LEU A 308 -11.15 -11.26 -9.58
C LEU A 308 -10.55 -9.85 -9.65
N ILE A 309 -9.33 -9.71 -9.15
CA ILE A 309 -8.65 -8.41 -9.17
C ILE A 309 -8.38 -7.97 -10.60
N ARG A 310 -8.05 -8.91 -11.48
CA ARG A 310 -7.81 -8.57 -12.87
C ARG A 310 -9.13 -8.17 -13.54
N ALA A 311 -10.24 -8.71 -13.00
CA ALA A 311 -11.58 -8.38 -13.51
C ALA A 311 -11.87 -6.93 -13.13
N PHE A 312 -11.56 -6.60 -11.89
CA PHE A 312 -11.73 -5.24 -11.39
C PHE A 312 -10.88 -4.31 -12.25
N ASN A 313 -9.65 -4.73 -12.54
CA ASN A 313 -8.75 -3.93 -13.36
C ASN A 313 -9.44 -3.60 -14.69
N ALA A 314 -10.07 -4.62 -15.29
CA ALA A 314 -10.77 -4.42 -16.55
C ALA A 314 -11.90 -3.39 -16.45
N VAL A 315 -12.65 -3.43 -15.37
CA VAL A 315 -13.74 -2.47 -15.22
C VAL A 315 -13.22 -1.05 -15.30
N MET A 316 -12.07 -0.79 -14.70
CA MET A 316 -11.47 0.54 -14.74
C MET A 316 -10.94 0.86 -16.13
N ARG A 317 -10.45 -0.16 -16.84
CA ARG A 317 -9.89 0.04 -18.18
C ARG A 317 -11.03 0.47 -19.12
N ILE A 318 -12.23 0.09 -18.76
CA ILE A 318 -13.40 0.39 -19.57
C ILE A 318 -14.15 1.64 -19.15
N ALA A 319 -14.35 1.82 -17.84
CA ALA A 319 -15.10 2.95 -17.33
C ALA A 319 -14.36 4.04 -16.55
N ALA A 320 -13.04 3.88 -16.37
CA ALA A 320 -12.26 4.88 -15.64
C ALA A 320 -10.77 4.55 -15.74
N PRO A 321 -10.22 4.62 -16.97
CA PRO A 321 -8.81 4.34 -17.27
C PRO A 321 -7.77 4.96 -16.34
N ALA A 322 -8.06 6.14 -15.80
CA ALA A 322 -7.13 6.82 -14.92
C ALA A 322 -6.93 6.12 -13.58
N VAL A 323 -7.87 5.27 -13.20
CA VAL A 323 -7.77 4.58 -11.92
C VAL A 323 -6.82 3.37 -11.88
N PHE A 324 -5.73 3.52 -11.14
CA PHE A 324 -4.75 2.45 -10.99
C PHE A 324 -4.91 1.80 -9.62
N PHE A 325 -4.40 0.59 -9.45
CA PHE A 325 -4.50 -0.13 -8.18
C PHE A 325 -3.17 -0.26 -7.45
N LYS A 326 -3.24 -0.25 -6.12
CA LYS A 326 -2.08 -0.43 -5.26
C LYS A 326 -2.38 -1.64 -4.38
N SER A 327 -1.70 -2.74 -4.65
CA SER A 327 -1.90 -3.98 -3.91
C SER A 327 -1.32 -3.97 -2.49
N GLU A 328 -2.12 -4.40 -1.52
CA GLU A 328 -1.67 -4.50 -0.14
C GLU A 328 -1.63 -6.00 0.12
N ALA A 329 -0.47 -6.60 -0.12
CA ALA A 329 -0.30 -8.03 0.09
C ALA A 329 0.94 -8.20 0.94
N ILE A 330 0.73 -8.26 2.25
CA ILE A 330 1.82 -8.42 3.20
C ILE A 330 1.93 -9.92 3.44
N VAL A 331 2.52 -10.60 2.47
CA VAL A 331 2.65 -12.05 2.51
C VAL A 331 4.06 -12.49 2.11
N HIS A 332 4.22 -13.78 1.81
CA HIS A 332 5.52 -14.30 1.40
C HIS A 332 5.92 -13.63 0.08
N PRO A 333 7.19 -13.20 -0.05
CA PRO A 333 7.68 -12.54 -1.26
C PRO A 333 7.23 -13.16 -2.59
N ASP A 334 7.30 -14.49 -2.69
CA ASP A 334 6.88 -15.16 -3.92
C ASP A 334 5.43 -14.82 -4.22
N GLN A 335 4.62 -14.66 -3.18
CA GLN A 335 3.20 -14.35 -3.34
C GLN A 335 2.96 -12.86 -3.58
N VAL A 336 3.73 -12.02 -2.89
CA VAL A 336 3.61 -10.56 -3.02
C VAL A 336 3.65 -10.05 -4.45
N VAL A 337 4.64 -10.51 -5.20
CA VAL A 337 4.87 -10.07 -6.57
C VAL A 337 3.83 -10.54 -7.58
N GLN A 338 3.08 -11.59 -7.25
CA GLN A 338 2.08 -12.12 -8.16
C GLN A 338 0.85 -11.22 -8.37
N TYR A 339 0.68 -10.23 -7.48
CA TYR A 339 -0.46 -9.31 -7.58
C TYR A 339 -0.09 -8.11 -8.45
N ILE A 340 1.20 -7.99 -8.74
CA ILE A 340 1.66 -6.87 -9.54
C ILE A 340 1.79 -7.19 -11.02
N GLY A 341 1.01 -6.45 -11.80
CA GLY A 341 1.02 -6.62 -13.24
C GLY A 341 0.14 -5.55 -13.84
N GLN A 342 0.43 -5.16 -15.08
CA GLN A 342 -0.37 -4.14 -15.72
C GLN A 342 -1.87 -4.47 -15.68
N ASP A 343 -2.22 -5.74 -15.84
CA ASP A 343 -3.63 -6.13 -15.86
C ASP A 343 -4.22 -6.56 -14.51
N GLU A 344 -3.45 -6.39 -13.44
CA GLU A 344 -3.90 -6.72 -12.09
C GLU A 344 -3.64 -5.47 -11.25
N CYS A 345 -2.65 -5.49 -10.37
CA CYS A 345 -2.36 -4.26 -9.62
C CYS A 345 -1.11 -3.66 -10.26
N GLN A 346 -1.20 -2.45 -10.76
CA GLN A 346 -0.04 -1.85 -11.42
C GLN A 346 1.12 -1.57 -10.47
N ILE A 347 0.80 -1.28 -9.21
CA ILE A 347 1.83 -1.05 -8.20
C ILE A 347 1.42 -1.81 -6.94
N GLY A 348 2.37 -2.00 -6.02
CA GLY A 348 2.06 -2.71 -4.81
C GLY A 348 3.10 -2.43 -3.74
N TYR A 349 2.71 -2.49 -2.48
CA TYR A 349 3.64 -2.26 -1.38
C TYR A 349 4.77 -3.28 -1.50
N ASN A 350 5.97 -2.84 -1.11
CA ASN A 350 7.17 -3.67 -1.16
C ASN A 350 7.57 -4.03 0.27
N PRO A 351 6.77 -4.88 0.93
CA PRO A 351 7.07 -5.28 2.31
C PRO A 351 8.45 -5.91 2.50
N LEU A 352 8.94 -6.61 1.48
CA LEU A 352 10.25 -7.22 1.58
C LEU A 352 11.33 -6.16 1.83
N GLN A 353 11.41 -5.17 0.95
CA GLN A 353 12.42 -4.13 1.13
C GLN A 353 12.24 -3.45 2.50
N MET A 354 11.03 -3.00 2.81
CA MET A 354 10.74 -2.33 4.08
C MET A 354 11.22 -3.14 5.28
N ALA A 355 10.76 -4.39 5.36
CA ALA A 355 11.14 -5.25 6.47
C ALA A 355 12.64 -5.47 6.56
N LEU A 356 13.33 -5.53 5.42
CA LEU A 356 14.76 -5.74 5.45
C LEU A 356 15.56 -4.51 5.82
N LEU A 357 14.98 -3.33 5.63
CA LEU A 357 15.67 -2.10 5.98
C LEU A 357 15.84 -2.15 7.50
N TRP A 358 14.75 -2.41 8.18
CA TRP A 358 14.77 -2.48 9.62
C TRP A 358 15.64 -3.62 10.11
N ASN A 359 15.62 -4.75 9.39
CA ASN A 359 16.43 -5.90 9.74
C ASN A 359 17.91 -5.53 9.69
N THR A 360 18.29 -4.84 8.63
CA THR A 360 19.68 -4.44 8.43
C THR A 360 20.14 -3.47 9.52
N LEU A 361 19.25 -2.59 9.99
CA LEU A 361 19.60 -1.67 11.07
C LEU A 361 19.95 -2.46 12.34
N ALA A 362 19.27 -3.58 12.54
CA ALA A 362 19.49 -4.41 13.72
C ALA A 362 20.75 -5.24 13.66
N THR A 363 20.94 -5.94 12.55
CA THR A 363 22.11 -6.80 12.36
C THR A 363 23.35 -6.09 11.82
N ARG A 364 23.15 -4.93 11.19
CA ARG A 364 24.24 -4.17 10.59
C ARG A 364 24.79 -4.89 9.37
N GLU A 365 24.11 -5.96 8.96
CA GLU A 365 24.54 -6.75 7.80
C GLU A 365 23.55 -6.63 6.67
N VAL A 366 24.03 -6.23 5.50
CA VAL A 366 23.14 -6.05 4.35
C VAL A 366 22.84 -7.33 3.57
N ASN A 367 23.34 -8.46 4.04
CA ASN A 367 23.14 -9.74 3.36
C ASN A 367 21.73 -9.98 2.80
N LEU A 368 20.71 -9.96 3.67
CA LEU A 368 19.34 -10.19 3.22
C LEU A 368 18.86 -9.08 2.29
N LEU A 369 19.22 -7.84 2.62
CA LEU A 369 18.81 -6.70 1.79
C LEU A 369 19.43 -6.81 0.40
N HIS A 370 20.72 -7.08 0.33
CA HIS A 370 21.40 -7.19 -0.95
C HIS A 370 20.77 -8.32 -1.78
N GLN A 371 20.44 -9.41 -1.10
CA GLN A 371 19.83 -10.56 -1.77
C GLN A 371 18.51 -10.16 -2.42
N ALA A 372 17.68 -9.43 -1.68
CA ALA A 372 16.38 -8.97 -2.17
C ALA A 372 16.51 -8.00 -3.33
N LEU A 373 17.45 -7.06 -3.20
CA LEU A 373 17.64 -6.05 -4.25
C LEU A 373 18.20 -6.67 -5.51
N THR A 374 18.87 -7.81 -5.36
CA THR A 374 19.45 -8.50 -6.50
C THR A 374 18.48 -9.42 -7.21
N TYR A 375 17.69 -10.17 -6.45
CA TYR A 375 16.76 -11.14 -7.02
C TYR A 375 15.26 -10.85 -6.99
N ARG A 376 14.83 -9.89 -6.19
CA ARG A 376 13.40 -9.61 -6.10
C ARG A 376 12.97 -8.16 -6.29
N HIS A 377 13.83 -7.33 -6.87
CA HIS A 377 13.45 -5.94 -7.05
C HIS A 377 12.79 -5.61 -8.39
N ASN A 378 13.46 -5.95 -9.48
CA ASN A 378 12.93 -5.65 -10.81
C ASN A 378 11.58 -6.29 -11.05
N LEU A 379 10.70 -5.54 -11.71
CA LEU A 379 9.33 -6.00 -11.98
C LEU A 379 9.00 -6.00 -13.47
N PRO A 380 7.83 -6.55 -13.84
CA PRO A 380 7.42 -6.57 -15.25
C PRO A 380 7.23 -5.13 -15.69
N GLU A 381 7.17 -4.91 -17.00
CA GLU A 381 6.98 -3.57 -17.52
C GLU A 381 5.66 -2.98 -17.06
N HIS A 382 5.60 -1.65 -17.02
CA HIS A 382 4.40 -0.93 -16.64
C HIS A 382 3.87 -1.25 -15.24
N THR A 383 4.78 -1.54 -14.32
CA THR A 383 4.40 -1.80 -12.93
C THR A 383 5.50 -1.23 -12.06
N ALA A 384 5.17 -0.98 -10.79
CA ALA A 384 6.14 -0.42 -9.87
C ALA A 384 5.93 -0.82 -8.43
N TRP A 385 7.00 -0.72 -7.65
CA TRP A 385 6.94 -1.02 -6.23
C TRP A 385 6.55 0.29 -5.55
N VAL A 386 5.96 0.16 -4.37
CA VAL A 386 5.64 1.32 -3.56
C VAL A 386 6.61 1.04 -2.41
N ASN A 387 7.69 1.80 -2.35
CA ASN A 387 8.70 1.60 -1.32
C ASN A 387 8.43 2.48 -0.10
N TYR A 388 8.41 1.86 1.08
CA TYR A 388 8.12 2.59 2.30
C TYR A 388 9.01 2.22 3.46
N VAL A 389 9.02 3.06 4.49
CA VAL A 389 9.84 2.83 5.67
C VAL A 389 8.93 2.35 6.82
N ARG A 390 7.77 2.97 6.92
CA ARG A 390 6.78 2.57 7.93
C ARG A 390 5.40 2.84 7.35
N SER A 391 4.37 2.33 8.02
CA SER A 391 2.97 2.52 7.60
C SER A 391 2.12 2.61 8.84
N HIS A 392 0.81 2.65 8.65
CA HIS A 392 -0.11 2.71 9.78
C HIS A 392 -0.09 1.40 10.53
N ASP A 393 0.41 0.35 9.89
CA ASP A 393 0.47 -0.95 10.52
C ASP A 393 1.79 -1.29 11.16
N ASP A 394 1.78 -2.43 11.82
CA ASP A 394 2.93 -3.01 12.49
C ASP A 394 3.91 -3.45 11.42
N ILE A 395 5.11 -3.82 11.86
CA ILE A 395 6.14 -4.32 10.97
C ILE A 395 6.15 -5.85 11.10
N GLY A 396 5.91 -6.52 9.97
CA GLY A 396 5.94 -7.97 9.95
C GLY A 396 7.24 -8.36 9.28
N TRP A 397 7.91 -9.42 9.76
CA TRP A 397 9.18 -9.82 9.18
C TRP A 397 8.95 -10.81 8.03
N THR A 398 8.35 -10.30 6.95
CA THR A 398 8.01 -11.12 5.81
C THR A 398 9.10 -11.45 4.77
N PHE A 399 10.31 -11.72 5.24
CA PHE A 399 11.37 -12.10 4.31
C PHE A 399 11.12 -13.59 4.11
N ALA A 400 11.70 -14.17 3.06
CA ALA A 400 11.50 -15.58 2.76
C ALA A 400 12.45 -16.51 3.51
N ASP A 401 11.91 -17.50 4.21
CA ASP A 401 12.73 -18.45 4.95
C ASP A 401 13.72 -19.13 3.99
N GLU A 402 13.24 -19.44 2.80
CA GLU A 402 14.05 -20.10 1.77
C GLU A 402 15.24 -19.22 1.37
N ASP A 403 14.99 -17.92 1.20
CA ASP A 403 16.05 -16.99 0.85
C ASP A 403 17.06 -16.95 1.98
N ALA A 404 16.55 -16.87 3.21
CA ALA A 404 17.41 -16.83 4.40
C ALA A 404 18.20 -18.13 4.56
N ALA A 405 17.59 -19.26 4.20
CA ALA A 405 18.27 -20.55 4.32
C ALA A 405 19.51 -20.55 3.43
N TYR A 406 19.41 -19.94 2.25
CA TYR A 406 20.53 -19.87 1.33
C TYR A 406 21.69 -19.18 1.99
N LEU A 407 21.39 -18.23 2.87
CA LEU A 407 22.44 -17.48 3.56
C LEU A 407 22.80 -18.09 4.90
N GLY A 408 22.33 -19.31 5.15
CA GLY A 408 22.64 -19.96 6.42
C GLY A 408 21.97 -19.30 7.60
N ILE A 409 20.78 -18.75 7.36
CA ILE A 409 20.03 -18.08 8.40
C ILE A 409 18.69 -18.77 8.66
N SER A 410 18.42 -19.07 9.93
CA SER A 410 17.16 -19.72 10.30
C SER A 410 16.10 -18.66 10.47
N GLY A 411 15.12 -18.63 9.57
CA GLY A 411 14.05 -17.65 9.64
C GLY A 411 13.40 -17.53 11.01
N TYR A 412 12.98 -18.66 11.56
CA TYR A 412 12.33 -18.64 12.87
C TYR A 412 13.24 -18.01 13.93
N ASP A 413 14.45 -18.51 14.07
CA ASP A 413 15.36 -17.95 15.06
C ASP A 413 15.64 -16.46 14.79
N HIS A 414 15.78 -16.11 13.52
CA HIS A 414 16.06 -14.72 13.18
C HIS A 414 14.92 -13.78 13.54
N ARG A 415 13.68 -14.21 13.32
CA ARG A 415 12.55 -13.35 13.65
C ARG A 415 12.45 -13.16 15.15
N GLN A 416 12.80 -14.19 15.90
CA GLN A 416 12.74 -14.08 17.36
C GLN A 416 13.74 -13.00 17.79
N PHE A 417 14.91 -12.98 17.13
CA PHE A 417 15.90 -11.96 17.45
C PHE A 417 15.35 -10.58 17.10
N LEU A 418 14.94 -10.42 15.84
CA LEU A 418 14.40 -9.15 15.36
C LEU A 418 13.31 -8.58 16.28
N ASN A 419 12.35 -9.43 16.64
CA ASN A 419 11.27 -9.01 17.52
C ASN A 419 11.77 -8.50 18.87
N ARG A 420 12.72 -9.22 19.46
CA ARG A 420 13.29 -8.82 20.73
C ARG A 420 14.02 -7.48 20.60
N PHE A 421 14.81 -7.35 19.54
CA PHE A 421 15.58 -6.14 19.31
C PHE A 421 14.72 -4.89 19.22
N PHE A 422 13.71 -4.95 18.37
CA PHE A 422 12.85 -3.80 18.17
C PHE A 422 11.84 -3.47 19.26
N VAL A 423 11.71 -4.32 20.27
CA VAL A 423 10.82 -4.02 21.39
C VAL A 423 11.69 -3.79 22.63
N ASN A 424 12.97 -3.59 22.36
CA ASN A 424 14.00 -3.33 23.38
C ASN A 424 14.16 -4.45 24.42
N ARG A 425 14.20 -5.69 23.95
CA ARG A 425 14.41 -6.82 24.84
C ARG A 425 15.72 -7.49 24.44
N PHE A 426 16.61 -6.69 23.85
CA PHE A 426 17.92 -7.18 23.42
C PHE A 426 18.96 -6.17 23.90
N ASP A 427 20.00 -6.67 24.57
CA ASP A 427 21.06 -5.80 25.09
C ASP A 427 21.66 -4.84 24.07
N GLY A 428 21.60 -3.55 24.38
CA GLY A 428 22.16 -2.54 23.50
C GLY A 428 21.25 -2.00 22.42
N SER A 429 20.06 -2.60 22.29
CA SER A 429 19.12 -2.16 21.27
C SER A 429 18.79 -0.69 21.39
N PHE A 430 18.78 0.00 20.26
CA PHE A 430 18.44 1.43 20.23
C PHE A 430 16.94 1.64 19.97
N ALA A 431 16.24 0.56 19.62
CA ALA A 431 14.81 0.61 19.31
C ALA A 431 13.86 0.60 20.51
N ARG A 432 12.77 1.35 20.39
CA ARG A 432 11.77 1.43 21.46
C ARG A 432 10.37 1.12 20.96
N GLY A 433 10.24 0.02 20.22
CA GLY A 433 8.94 -0.37 19.69
C GLY A 433 8.12 -1.15 20.71
N VAL A 434 6.90 -1.49 20.32
CA VAL A 434 5.96 -2.25 21.14
C VAL A 434 5.51 -3.49 20.39
N PRO A 435 5.31 -4.62 21.09
CA PRO A 435 4.87 -5.88 20.48
C PRO A 435 3.46 -5.80 19.91
N PHE A 436 3.21 -6.58 18.85
CA PHE A 436 1.91 -6.59 18.24
C PHE A 436 1.58 -8.01 17.79
N GLN A 437 0.48 -8.52 18.32
CA GLN A 437 0.00 -9.87 18.00
C GLN A 437 0.98 -11.01 18.24
N TYR A 438 1.54 -11.06 19.44
CA TYR A 438 2.44 -12.17 19.75
C TYR A 438 1.53 -13.40 19.81
N ASN A 439 1.77 -14.36 18.92
CA ASN A 439 0.97 -15.58 18.90
C ASN A 439 1.68 -16.70 19.64
N PRO A 440 1.20 -17.04 20.84
CA PRO A 440 1.83 -18.10 21.63
C PRO A 440 1.84 -19.46 20.94
N SER A 441 0.90 -19.68 20.05
CA SER A 441 0.83 -20.97 19.35
C SER A 441 1.78 -21.08 18.16
N THR A 442 2.31 -19.95 17.68
CA THR A 442 3.21 -19.98 16.53
C THR A 442 4.57 -19.29 16.71
N GLY A 443 4.71 -18.50 17.76
CA GLY A 443 5.96 -17.82 18.02
C GLY A 443 6.08 -16.52 17.23
N ASP A 444 5.15 -16.30 16.32
CA ASP A 444 5.15 -15.11 15.49
C ASP A 444 4.80 -13.88 16.32
N CYS A 445 5.33 -12.73 15.90
CA CYS A 445 5.06 -11.47 16.58
C CYS A 445 5.43 -10.32 15.64
N ARG A 446 4.70 -9.22 15.76
CA ARG A 446 4.99 -8.07 14.93
C ARG A 446 5.38 -6.90 15.81
N VAL A 447 5.88 -5.83 15.21
CA VAL A 447 6.31 -4.66 15.96
C VAL A 447 5.60 -3.37 15.60
N SER A 448 5.22 -2.61 16.62
CA SER A 448 4.56 -1.33 16.44
C SER A 448 5.56 -0.26 16.89
N GLY A 449 5.37 0.96 16.41
CA GLY A 449 6.28 2.05 16.75
C GLY A 449 6.60 2.90 15.53
N THR A 450 6.81 4.20 15.75
CA THR A 450 7.14 5.12 14.67
C THR A 450 8.59 4.94 14.24
N ALA A 451 8.91 5.41 13.04
CA ALA A 451 10.26 5.31 12.51
C ALA A 451 11.27 5.88 13.51
N ALA A 452 10.93 7.05 14.06
CA ALA A 452 11.81 7.71 15.02
C ALA A 452 11.95 6.92 16.31
N ALA A 453 10.86 6.28 16.73
CA ALA A 453 10.87 5.49 17.95
C ALA A 453 11.75 4.25 17.78
N LEU A 454 11.77 3.69 16.58
CA LEU A 454 12.55 2.49 16.33
C LEU A 454 14.03 2.75 16.06
N VAL A 455 14.41 3.98 15.72
CA VAL A 455 15.81 4.28 15.47
C VAL A 455 16.49 4.87 16.69
N GLY A 456 15.70 5.09 17.75
CA GLY A 456 16.23 5.62 18.99
C GLY A 456 16.13 7.11 19.25
N LEU A 457 15.25 7.81 18.53
CA LEU A 457 15.12 9.25 18.74
C LEU A 457 14.45 9.62 20.07
N ALA A 458 13.64 8.72 20.62
CA ALA A 458 12.97 9.01 21.88
C ALA A 458 13.98 9.22 23.02
N GLN A 459 15.15 8.60 22.91
CA GLN A 459 16.20 8.75 23.92
C GLN A 459 17.34 9.62 23.38
N ASP A 460 17.08 10.25 22.24
CA ASP A 460 18.06 11.12 21.58
C ASP A 460 19.36 10.41 21.24
N ASP A 461 19.25 9.21 20.66
CA ASP A 461 20.42 8.46 20.24
C ASP A 461 21.08 9.33 19.17
N PRO A 462 22.37 9.66 19.35
CA PRO A 462 23.04 10.50 18.35
C PRO A 462 23.01 9.98 16.92
N HIS A 463 22.67 8.70 16.76
CA HIS A 463 22.62 8.09 15.44
C HIS A 463 21.18 8.05 14.90
N ALA A 464 20.22 8.41 15.75
CA ALA A 464 18.83 8.38 15.34
C ALA A 464 18.50 9.13 14.05
N VAL A 465 18.91 10.39 13.94
CA VAL A 465 18.62 11.15 12.74
C VAL A 465 19.19 10.56 11.45
N ASP A 466 20.46 10.14 11.48
CA ASP A 466 21.07 9.56 10.28
C ASP A 466 20.44 8.23 9.88
N ARG A 467 19.96 7.48 10.87
CA ARG A 467 19.31 6.21 10.60
C ARG A 467 18.05 6.45 9.80
N ILE A 468 17.27 7.44 10.20
CA ILE A 468 16.05 7.79 9.49
C ILE A 468 16.35 8.16 8.05
N LYS A 469 17.33 9.03 7.89
CA LYS A 469 17.74 9.51 6.56
C LYS A 469 18.18 8.35 5.66
N LEU A 470 18.97 7.44 6.22
CA LEU A 470 19.46 6.30 5.49
C LEU A 470 18.31 5.41 5.00
N LEU A 471 17.37 5.11 5.88
CA LEU A 471 16.24 4.26 5.50
C LEU A 471 15.44 4.88 4.38
N TYR A 472 15.06 6.13 4.54
CA TYR A 472 14.29 6.83 3.53
C TYR A 472 15.09 7.05 2.23
N SER A 473 16.41 7.13 2.34
CA SER A 473 17.24 7.33 1.16
C SER A 473 17.06 6.13 0.23
N ILE A 474 17.03 4.95 0.82
CA ILE A 474 16.90 3.71 0.06
C ILE A 474 15.52 3.54 -0.58
N ALA A 475 14.46 3.94 0.13
CA ALA A 475 13.12 3.81 -0.44
C ALA A 475 12.94 4.85 -1.54
N LEU A 476 13.67 5.95 -1.40
CA LEU A 476 13.60 7.03 -2.39
C LEU A 476 14.39 6.80 -3.67
N SER A 477 15.42 5.96 -3.62
CA SER A 477 16.27 5.76 -4.79
C SER A 477 16.39 4.38 -5.42
N THR A 478 15.79 3.35 -4.83
CA THR A 478 15.90 2.02 -5.40
C THR A 478 15.12 1.83 -6.69
N GLY A 479 14.09 2.64 -6.90
CA GLY A 479 13.29 2.50 -8.09
C GLY A 479 11.91 2.07 -7.67
N GLY A 480 10.94 2.94 -7.92
CA GLY A 480 9.58 2.67 -7.53
C GLY A 480 9.03 3.95 -6.92
N LEU A 481 7.76 3.95 -6.53
CA LEU A 481 7.15 5.15 -5.97
C LEU A 481 7.33 5.12 -4.44
N PRO A 482 8.10 6.07 -3.89
CA PRO A 482 8.35 6.15 -2.46
C PRO A 482 7.20 6.78 -1.67
N LEU A 483 6.84 6.14 -0.55
CA LEU A 483 5.74 6.63 0.26
C LEU A 483 6.24 7.03 1.64
N ILE A 484 6.00 8.29 2.00
CA ILE A 484 6.44 8.81 3.30
C ILE A 484 5.30 8.74 4.30
N TYR A 485 5.58 8.19 5.48
CA TYR A 485 4.57 8.14 6.52
C TYR A 485 4.63 9.54 7.10
N LEU A 486 3.66 10.37 6.75
CA LEU A 486 3.65 11.74 7.23
C LEU A 486 3.80 11.79 8.73
N GLY A 487 4.69 12.66 9.19
CA GLY A 487 4.98 12.77 10.61
C GLY A 487 6.42 12.34 10.82
N ASP A 488 6.87 11.43 9.96
CA ASP A 488 8.24 10.92 10.01
C ASP A 488 9.26 11.98 9.59
N GLU A 489 8.87 12.88 8.68
CA GLU A 489 9.78 13.92 8.19
C GLU A 489 10.24 14.91 9.25
N VAL A 490 9.69 14.80 10.46
CA VAL A 490 10.10 15.67 11.55
C VAL A 490 10.38 14.84 12.81
N GLY A 491 10.54 13.54 12.60
CA GLY A 491 10.83 12.62 13.69
C GLY A 491 9.75 12.47 14.74
N THR A 492 8.51 12.31 14.30
CA THR A 492 7.40 12.15 15.23
C THR A 492 7.51 10.85 16.03
N LEU A 493 7.39 10.96 17.35
CA LEU A 493 7.50 9.80 18.24
C LEU A 493 6.15 9.08 18.48
N ASN A 494 6.18 8.02 19.29
CA ASN A 494 4.97 7.27 19.58
C ASN A 494 3.90 8.04 20.33
N ASP A 495 2.65 7.64 20.14
CA ASP A 495 1.52 8.26 20.83
C ASP A 495 1.63 7.71 22.25
N ASP A 496 1.58 8.59 23.24
CA ASP A 496 1.71 8.15 24.63
C ASP A 496 0.42 8.20 25.43
N ASP A 497 -0.65 7.68 24.84
CA ASP A 497 -1.95 7.63 25.52
C ASP A 497 -2.78 6.47 25.00
N TRP A 498 -2.42 5.97 23.82
CA TRP A 498 -3.18 4.87 23.22
C TRP A 498 -3.42 3.72 24.19
N SER A 499 -2.45 3.42 25.04
CA SER A 499 -2.59 2.32 25.99
C SER A 499 -3.63 2.62 27.05
N GLN A 500 -3.90 3.91 27.27
CA GLN A 500 -4.87 4.34 28.26
C GLN A 500 -6.28 4.45 27.67
N ASP A 501 -6.37 4.48 26.34
CA ASP A 501 -7.65 4.59 25.65
C ASP A 501 -8.30 3.21 25.49
N SER A 502 -9.42 2.99 26.19
CA SER A 502 -10.11 1.70 26.13
C SER A 502 -10.48 1.23 24.73
N ASN A 503 -10.52 2.15 23.78
CA ASN A 503 -10.86 1.80 22.39
C ASN A 503 -9.61 1.43 21.60
N LYS A 504 -8.43 1.69 22.15
CA LYS A 504 -7.17 1.40 21.47
C LYS A 504 -6.20 0.53 22.25
N SER A 505 -6.40 0.44 23.56
CA SER A 505 -5.49 -0.30 24.42
C SER A 505 -5.15 -1.73 24.01
N ASP A 506 -6.02 -2.37 23.23
CA ASP A 506 -5.74 -3.73 22.81
C ASP A 506 -5.16 -3.81 21.39
N ASP A 507 -4.76 -2.66 20.85
CA ASP A 507 -4.19 -2.57 19.49
C ASP A 507 -2.98 -1.64 19.62
N SER A 508 -1.78 -2.22 19.73
CA SER A 508 -0.56 -1.41 19.88
C SER A 508 -0.18 -0.63 18.63
N ARG A 509 -0.90 -0.83 17.53
CA ARG A 509 -0.59 -0.11 16.31
C ARG A 509 -0.86 1.40 16.50
N TRP A 510 -1.74 1.73 17.44
CA TRP A 510 -2.06 3.13 17.70
C TRP A 510 -0.87 3.89 18.27
N ALA A 511 0.13 3.16 18.77
CA ALA A 511 1.33 3.77 19.31
C ALA A 511 2.10 4.50 18.22
N HIS A 512 1.97 4.04 16.97
CA HIS A 512 2.65 4.70 15.86
C HIS A 512 1.67 5.44 14.97
N ARG A 513 0.55 5.85 15.56
CA ARG A 513 -0.47 6.62 14.86
C ARG A 513 -0.71 7.91 15.65
N PRO A 514 0.37 8.69 15.86
CA PRO A 514 0.26 9.95 16.60
C PRO A 514 -0.38 11.08 15.81
N ARG A 515 -0.79 12.12 16.53
CA ARG A 515 -1.40 13.28 15.92
C ARG A 515 -0.31 14.21 15.38
N TYR A 516 -0.73 15.17 14.55
CA TYR A 516 0.16 16.17 13.98
C TYR A 516 0.87 16.83 15.16
N ASN A 517 2.20 16.82 15.18
CA ASN A 517 2.91 17.45 16.29
C ASN A 517 3.32 18.87 15.94
N GLU A 518 2.49 19.82 16.35
CA GLU A 518 2.70 21.24 16.10
C GLU A 518 4.11 21.72 16.47
N ALA A 519 4.62 21.25 17.61
CA ALA A 519 5.94 21.67 18.07
C ALA A 519 7.03 21.24 17.11
N LEU A 520 6.98 19.98 16.69
CA LEU A 520 7.98 19.46 15.76
C LEU A 520 7.89 20.10 14.40
N TYR A 521 6.68 20.32 13.91
CA TYR A 521 6.57 20.94 12.59
C TYR A 521 7.06 22.38 12.63
N ALA A 522 6.90 23.03 13.78
CA ALA A 522 7.34 24.42 13.92
C ALA A 522 8.87 24.52 14.00
N GLN A 523 9.55 23.38 14.00
CA GLN A 523 11.00 23.36 14.08
C GLN A 523 11.64 22.84 12.80
N ARG A 524 10.83 22.46 11.83
CA ARG A 524 11.37 21.90 10.59
C ARG A 524 12.35 22.78 9.83
N ASN A 525 12.40 24.08 10.15
CA ASN A 525 13.35 24.97 9.47
C ASN A 525 14.57 25.29 10.34
N ASP A 526 14.62 24.72 11.54
CA ASP A 526 15.73 24.96 12.46
C ASP A 526 16.72 23.78 12.39
N PRO A 527 17.84 23.97 11.68
CA PRO A 527 18.87 22.94 11.52
C PRO A 527 19.50 22.41 12.80
N SER A 528 19.24 23.06 13.91
CA SER A 528 19.82 22.63 15.20
C SER A 528 18.96 21.59 15.91
N THR A 529 17.72 21.43 15.45
CA THR A 529 16.79 20.47 16.05
C THR A 529 16.73 19.19 15.23
N ALA A 530 16.25 18.11 15.86
CA ALA A 530 16.14 16.84 15.17
C ALA A 530 15.13 16.95 14.04
N ALA A 531 14.06 17.71 14.30
CA ALA A 531 13.02 17.90 13.29
C ALA A 531 13.56 18.58 12.05
N GLY A 532 14.33 19.65 12.25
CA GLY A 532 14.89 20.38 11.13
C GLY A 532 15.87 19.54 10.34
N GLN A 533 16.75 18.84 11.08
CA GLN A 533 17.74 17.98 10.46
C GLN A 533 17.08 16.90 9.61
N ILE A 534 16.10 16.21 10.18
CA ILE A 534 15.40 15.16 9.44
C ILE A 534 14.68 15.78 8.25
N TYR A 535 13.94 16.86 8.49
CA TYR A 535 13.19 17.52 7.43
C TYR A 535 14.05 17.93 6.24
N GLN A 536 14.99 18.85 6.46
CA GLN A 536 15.84 19.29 5.36
C GLN A 536 16.53 18.11 4.67
N ASP A 537 16.88 17.08 5.45
CA ASP A 537 17.52 15.89 4.88
C ASP A 537 16.60 15.23 3.84
N LEU A 538 15.40 14.88 4.27
CA LEU A 538 14.44 14.24 3.38
C LEU A 538 14.02 15.16 2.25
N ARG A 539 13.78 16.42 2.57
CA ARG A 539 13.38 17.37 1.53
C ARG A 539 14.44 17.40 0.45
N HIS A 540 15.70 17.45 0.87
CA HIS A 540 16.80 17.49 -0.09
C HIS A 540 16.83 16.22 -0.95
N MET A 541 16.67 15.06 -0.32
CA MET A 541 16.68 13.81 -1.09
C MET A 541 15.49 13.73 -2.05
N ILE A 542 14.34 14.28 -1.63
CA ILE A 542 13.15 14.29 -2.45
C ILE A 542 13.38 15.20 -3.67
N ALA A 543 13.97 16.37 -3.40
CA ALA A 543 14.28 17.32 -4.45
C ALA A 543 15.15 16.67 -5.51
N VAL A 544 16.26 16.06 -5.07
CA VAL A 544 17.19 15.39 -5.96
C VAL A 544 16.53 14.29 -6.77
N ARG A 545 15.79 13.41 -6.10
CA ARG A 545 15.11 12.32 -6.78
C ARG A 545 14.23 12.84 -7.91
N GLN A 546 13.45 13.86 -7.61
CA GLN A 546 12.53 14.43 -8.59
C GLN A 546 13.15 15.21 -9.75
N SER A 547 14.32 15.81 -9.54
CA SER A 547 14.96 16.60 -10.59
C SER A 547 15.98 15.82 -11.42
N ASN A 548 16.56 14.78 -10.83
CA ASN A 548 17.59 14.01 -11.52
C ASN A 548 17.01 12.79 -12.24
N PRO A 549 17.09 12.77 -13.58
CA PRO A 549 16.55 11.65 -14.36
C PRO A 549 17.20 10.29 -14.06
N ARG A 550 18.40 10.31 -13.49
CA ARG A 550 19.11 9.08 -13.17
C ARG A 550 18.36 8.18 -12.19
N PHE A 551 17.33 8.71 -11.55
CA PHE A 551 16.55 7.92 -10.59
C PHE A 551 15.27 7.38 -11.22
N ASP A 552 15.01 7.79 -12.45
CA ASP A 552 13.79 7.37 -13.15
C ASP A 552 13.68 5.85 -13.35
N GLY A 553 12.46 5.36 -13.40
CA GLY A 553 12.23 3.94 -13.58
C GLY A 553 12.33 3.16 -12.28
N GLY A 554 12.06 1.86 -12.34
CA GLY A 554 12.13 1.04 -11.15
C GLY A 554 13.18 -0.04 -11.21
N ARG A 555 14.01 -0.04 -12.24
CA ARG A 555 15.04 -1.06 -12.38
C ARG A 555 16.33 -0.69 -11.67
N LEU A 556 17.02 -1.69 -11.13
CA LEU A 556 18.28 -1.45 -10.45
C LEU A 556 19.18 -2.66 -10.55
N VAL A 557 20.48 -2.42 -10.38
CA VAL A 557 21.48 -3.47 -10.41
C VAL A 557 22.31 -3.32 -9.15
N THR A 558 22.43 -4.38 -8.37
CA THR A 558 23.20 -4.32 -7.14
C THR A 558 24.71 -4.32 -7.43
N PHE A 559 25.46 -3.66 -6.55
CA PHE A 559 26.90 -3.55 -6.69
C PHE A 559 27.53 -4.21 -5.46
N ASN A 560 28.44 -5.16 -5.67
CA ASN A 560 29.10 -5.82 -4.55
C ASN A 560 30.12 -4.87 -3.94
N THR A 561 29.88 -4.48 -2.69
CA THR A 561 30.76 -3.55 -1.98
C THR A 561 31.90 -4.25 -1.29
N ASN A 562 31.78 -5.57 -1.13
CA ASN A 562 32.77 -6.39 -0.46
C ASN A 562 32.91 -6.02 1.02
N ASN A 563 31.88 -5.34 1.53
CA ASN A 563 31.84 -4.94 2.94
C ASN A 563 30.44 -5.30 3.41
N LYS A 564 30.36 -6.26 4.32
CA LYS A 564 29.09 -6.76 4.84
C LYS A 564 28.16 -5.76 5.50
N HIS A 565 28.64 -4.55 5.74
CA HIS A 565 27.84 -3.51 6.38
C HIS A 565 27.35 -2.46 5.40
N ILE A 566 27.86 -2.52 4.18
CA ILE A 566 27.51 -1.51 3.18
C ILE A 566 26.72 -2.05 1.99
N ILE A 567 25.59 -1.42 1.72
CA ILE A 567 24.76 -1.82 0.60
C ILE A 567 25.14 -0.95 -0.60
N GLY A 568 25.00 -1.51 -1.79
CA GLY A 568 25.33 -0.76 -2.99
C GLY A 568 24.51 -1.17 -4.18
N TYR A 569 24.08 -0.20 -4.98
CA TYR A 569 23.30 -0.48 -6.17
C TYR A 569 23.42 0.65 -7.17
N ILE A 570 23.08 0.37 -8.43
CA ILE A 570 23.20 1.37 -9.47
C ILE A 570 21.91 1.60 -10.21
N ARG A 571 21.56 2.87 -10.38
CA ARG A 571 20.35 3.22 -11.11
C ARG A 571 20.72 3.75 -12.49
N ASN A 572 20.11 3.20 -13.52
CA ASN A 572 20.35 3.64 -14.89
C ASN A 572 21.82 3.74 -15.28
N ASN A 573 22.66 2.92 -14.67
CA ASN A 573 24.07 2.90 -14.99
C ASN A 573 24.71 4.28 -14.83
N ALA A 574 24.08 5.16 -14.06
CA ALA A 574 24.60 6.51 -13.88
C ALA A 574 24.64 6.99 -12.43
N LEU A 575 23.90 6.31 -11.55
CA LEU A 575 23.86 6.69 -10.14
C LEU A 575 24.25 5.53 -9.23
N LEU A 576 25.37 5.68 -8.54
CA LEU A 576 25.85 4.63 -7.63
C LEU A 576 25.50 5.02 -6.19
N ALA A 577 24.71 4.17 -5.54
CA ALA A 577 24.30 4.43 -4.16
C ALA A 577 25.00 3.52 -3.15
N PHE A 578 25.52 4.12 -2.08
CA PHE A 578 26.16 3.36 -1.03
C PHE A 578 25.40 3.70 0.24
N GLY A 579 25.29 2.73 1.15
CA GLY A 579 24.59 2.96 2.40
C GLY A 579 25.24 2.16 3.49
N ASN A 580 25.81 2.84 4.47
CA ASN A 580 26.48 2.17 5.58
C ASN A 580 25.49 1.93 6.72
N PHE A 581 25.20 0.67 6.99
CA PHE A 581 24.29 0.32 8.07
C PHE A 581 25.00 0.03 9.39
N SER A 582 26.26 0.46 9.46
CA SER A 582 27.06 0.27 10.66
C SER A 582 27.14 1.57 11.45
N GLU A 583 27.21 1.47 12.77
CA GLU A 583 27.32 2.67 13.60
C GLU A 583 28.79 3.09 13.65
N TYR A 584 29.61 2.41 12.85
CA TYR A 584 31.03 2.69 12.78
C TYR A 584 31.43 2.96 11.34
N PRO A 585 32.54 3.70 11.15
CA PRO A 585 32.99 3.99 9.79
C PRO A 585 33.22 2.64 9.09
N GLN A 586 32.92 2.58 7.80
CA GLN A 586 33.11 1.37 7.04
C GLN A 586 33.69 1.79 5.69
N THR A 587 34.57 0.96 5.14
CA THR A 587 35.21 1.28 3.87
C THR A 587 34.91 0.38 2.68
N VAL A 588 34.87 0.97 1.50
CA VAL A 588 34.70 0.27 0.23
C VAL A 588 36.09 0.50 -0.36
N THR A 589 36.87 -0.56 -0.48
CA THR A 589 38.26 -0.48 -0.98
C THR A 589 38.45 0.03 -2.41
N ALA A 590 39.62 0.62 -2.64
CA ALA A 590 39.96 1.14 -3.96
C ALA A 590 39.86 0.00 -4.97
N HIS A 591 40.28 -1.19 -4.56
CA HIS A 591 40.22 -2.34 -5.45
C HIS A 591 38.81 -2.67 -5.91
N THR A 592 37.83 -2.50 -5.03
CA THR A 592 36.43 -2.78 -5.35
C THR A 592 35.88 -1.75 -6.34
N LEU A 593 36.46 -0.54 -6.29
CA LEU A 593 36.00 0.57 -7.13
C LEU A 593 36.70 0.77 -8.49
N GLN A 594 37.72 -0.02 -8.78
CA GLN A 594 38.49 0.11 -10.02
C GLN A 594 37.70 0.39 -11.31
N ALA A 595 36.49 -0.14 -11.41
CA ALA A 595 35.68 0.06 -12.60
C ALA A 595 34.94 1.40 -12.61
N MET A 596 35.08 2.16 -11.52
CA MET A 596 34.42 3.45 -11.37
C MET A 596 35.33 4.63 -11.73
N PRO A 597 34.74 5.75 -12.19
CA PRO A 597 35.55 6.92 -12.54
C PRO A 597 36.37 7.38 -11.33
N PHE A 598 37.48 8.06 -11.57
CA PHE A 598 38.33 8.50 -10.47
C PHE A 598 37.63 9.45 -9.51
N LYS A 599 36.71 10.24 -10.03
CA LYS A 599 35.95 11.17 -9.20
C LYS A 599 34.48 11.10 -9.59
N ALA A 600 33.63 11.33 -8.60
CA ALA A 600 32.19 11.32 -8.83
C ALA A 600 31.57 12.27 -7.82
N HIS A 601 30.57 13.01 -8.28
CA HIS A 601 29.89 13.97 -7.43
C HIS A 601 28.82 13.25 -6.61
N ASP A 602 28.81 13.53 -5.30
CA ASP A 602 27.84 12.93 -4.40
C ASP A 602 26.69 13.91 -4.16
N LEU A 603 25.51 13.57 -4.68
CA LEU A 603 24.32 14.40 -4.55
C LEU A 603 23.82 14.54 -3.11
N ILE A 604 24.22 13.62 -2.24
CA ILE A 604 23.80 13.68 -0.84
C ILE A 604 24.50 14.79 -0.08
N GLY A 605 25.83 14.74 -0.04
CA GLY A 605 26.59 15.74 0.69
C GLY A 605 27.09 16.91 -0.16
N GLY A 606 27.00 16.78 -1.48
CA GLY A 606 27.44 17.84 -2.36
C GLY A 606 28.92 17.86 -2.69
N LYS A 607 29.69 17.04 -2.00
CA LYS A 607 31.14 16.98 -2.23
C LYS A 607 31.55 16.05 -3.36
N THR A 608 32.75 16.27 -3.88
CA THR A 608 33.30 15.44 -4.95
C THR A 608 34.07 14.33 -4.28
N VAL A 609 33.78 13.08 -4.64
CA VAL A 609 34.46 11.94 -4.02
C VAL A 609 35.43 11.24 -4.96
N SER A 610 36.58 10.84 -4.43
CA SER A 610 37.58 10.13 -5.23
C SER A 610 37.33 8.64 -5.07
N LEU A 611 37.20 7.93 -6.20
CA LEU A 611 36.94 6.50 -6.18
C LEU A 611 38.16 5.65 -6.53
N ASN A 612 39.32 6.30 -6.66
CA ASN A 612 40.55 5.61 -7.02
C ASN A 612 41.36 5.32 -5.76
N GLN A 613 40.69 5.40 -4.62
CA GLN A 613 41.32 5.14 -3.34
C GLN A 613 40.22 4.64 -2.42
N ASP A 614 40.60 4.04 -1.29
CA ASP A 614 39.60 3.54 -0.36
C ASP A 614 38.58 4.63 -0.06
N LEU A 615 37.32 4.24 -0.03
CA LEU A 615 36.23 5.17 0.25
C LEU A 615 35.67 4.81 1.62
N THR A 616 35.92 5.67 2.61
CA THR A 616 35.41 5.41 3.95
C THR A 616 34.15 6.21 4.21
N LEU A 617 33.09 5.52 4.58
CA LEU A 617 31.82 6.17 4.88
C LEU A 617 31.67 6.28 6.38
N GLN A 618 31.18 7.42 6.83
CA GLN A 618 30.98 7.62 8.25
C GLN A 618 29.76 6.80 8.68
N PRO A 619 29.56 6.64 9.99
CA PRO A 619 28.42 5.88 10.50
C PRO A 619 27.09 6.28 9.86
N TYR A 620 26.42 5.32 9.24
CA TYR A 620 25.13 5.55 8.61
C TYR A 620 25.09 6.51 7.43
N GLN A 621 26.25 6.88 6.91
CA GLN A 621 26.31 7.80 5.79
C GLN A 621 25.76 7.15 4.52
N VAL A 622 25.14 7.97 3.69
CA VAL A 622 24.58 7.53 2.43
C VAL A 622 25.18 8.39 1.34
N MET A 623 25.52 7.76 0.21
CA MET A 623 26.10 8.48 -0.90
C MET A 623 25.36 8.16 -2.21
N TRP A 624 25.11 9.20 -2.99
CA TRP A 624 24.46 9.07 -4.29
C TRP A 624 25.47 9.63 -5.29
N LEU A 625 26.39 8.78 -5.74
CA LEU A 625 27.45 9.14 -6.66
C LEU A 625 27.07 9.10 -8.14
N GLU A 626 27.26 10.22 -8.83
CA GLU A 626 26.95 10.29 -10.24
C GLU A 626 28.14 9.73 -11.00
N ILE A 627 27.96 8.58 -11.63
CA ILE A 627 29.04 7.98 -12.38
C ILE A 627 28.81 8.09 -13.89
N ALA A 628 27.72 8.74 -14.29
CA ALA A 628 27.47 8.92 -15.70
C ALA A 628 26.57 10.15 -15.84
#